data_1OWD
#
_entry.id   1OWD
#
_cell.length_a   55.160
_cell.length_b   53.000
_cell.length_c   82.300
_cell.angle_alpha   90.00
_cell.angle_beta   90.00
_cell.angle_gamma   90.00
#
_symmetry.space_group_name_H-M   'P 21 21 21'
#
loop_
_entity.id
_entity.type
_entity.pdbx_description
1 polymer 'Urokinase-type plasminogen activator'
2 non-polymer 6-[AMINO(IMINO)METHYL]-N-[(4R)-4-ETHYL-1,2,3,4-TETRAHYDROISOQUINOLIN-6-YL]-2-NAPHTHAMIDE
3 water water
#
_entity_poly.entity_id   1
_entity_poly.type   'polypeptide(L)'
_entity_poly.pdbx_seq_one_letter_code
;IIGGEFTTIENQPWFAAIYRRHRGGSVTYVCGGSLMSPCWVISATHCFIDYPKKEDYIVYLGRSRLNSNTQGEMKFEVEN
LILHKDYSADTLAHHNDIALLKIRSKEGRCAQPSRTIQTICLPSMYNDPQFGTSCEITGFGKENSTDYLYPEQLKMTVVK
LISHRECQQPHYYGSEVTTKMLCAADPQWKTDSCQGDSGGPLVCSLQGRMTLTGIVSWGRGCALKDKPGVYTRVSHFLPW
IRSHT
;
_entity_poly.pdbx_strand_id   A
#
loop_
_chem_comp.id
_chem_comp.type
_chem_comp.name
_chem_comp.formula
497 non-polymer 6-[AMINO(IMINO)METHYL]-N-[(4R)-4-ETHYL-1,2,3,4-TETRAHYDROISOQUINOLIN-6-YL]-2-NAPHTHAMIDE 'C23 H24 N4 O'
#
# COMPACT_ATOMS: atom_id res chain seq x y z
N ILE A 1 -4.77 -8.58 5.79
CA ILE A 1 -3.67 -9.58 5.91
C ILE A 1 -4.15 -10.95 6.43
N ILE A 2 -3.89 -11.99 5.64
CA ILE A 2 -4.27 -13.35 5.99
C ILE A 2 -3.11 -13.91 6.84
N GLY A 3 -3.43 -14.52 7.97
CA GLY A 3 -2.39 -15.05 8.82
C GLY A 3 -1.52 -13.92 9.36
N GLY A 4 -0.23 -14.18 9.55
CA GLY A 4 0.64 -13.13 10.05
C GLY A 4 0.52 -12.88 11.54
N GLU A 5 0.87 -11.67 11.95
CA GLU A 5 0.82 -11.29 13.36
C GLU A 5 0.29 -9.88 13.55
N PHE A 6 -0.34 -9.62 14.69
CA PHE A 6 -0.81 -8.27 14.96
C PHE A 6 0.43 -7.46 15.28
N THR A 7 0.29 -6.14 15.27
CA THR A 7 1.41 -5.25 15.55
C THR A 7 0.83 -3.88 15.91
N THR A 8 1.70 -2.91 16.16
CA THR A 8 1.29 -1.56 16.52
C THR A 8 1.98 -0.58 15.58
N ILE A 9 1.43 0.63 15.45
CA ILE A 9 2.00 1.62 14.54
C ILE A 9 3.46 1.95 14.82
N GLU A 10 3.91 1.80 16.07
CA GLU A 10 5.30 2.12 16.38
C GLU A 10 6.28 1.25 15.57
N ASN A 11 5.80 0.11 15.06
CA ASN A 11 6.60 -0.80 14.23
C ASN A 11 6.52 -0.42 12.75
N GLN A 12 5.44 0.25 12.35
CA GLN A 12 5.26 0.65 10.95
C GLN A 12 5.00 2.16 10.93
N PRO A 13 5.96 2.98 11.41
CA PRO A 13 5.83 4.44 11.46
C PRO A 13 5.44 5.22 10.21
N TRP A 14 5.61 4.64 9.03
CA TRP A 14 5.28 5.29 7.76
C TRP A 14 3.94 4.87 7.16
N PHE A 15 3.22 3.98 7.84
CA PHE A 15 1.93 3.51 7.34
C PHE A 15 0.87 4.59 7.49
N ALA A 16 0.03 4.75 6.47
CA ALA A 16 -1.02 5.76 6.49
C ALA A 16 -2.39 5.12 6.32
N ALA A 17 -3.32 5.45 7.22
CA ALA A 17 -4.67 4.90 7.17
C ALA A 17 -5.56 5.92 6.46
N ILE A 18 -6.04 5.55 5.28
CA ILE A 18 -6.86 6.44 4.45
C ILE A 18 -8.35 6.12 4.52
N TYR A 19 -9.13 7.05 5.07
CA TYR A 19 -10.59 6.88 5.20
C TYR A 19 -11.35 7.81 4.27
N ARG A 20 -12.67 7.63 4.22
CA ARG A 20 -13.51 8.46 3.37
C ARG A 20 -14.87 8.78 3.99
N ARG A 21 -15.22 10.06 4.00
CA ARG A 21 -16.49 10.54 4.55
C ARG A 21 -17.64 10.25 3.59
N HIS A 22 -18.74 9.75 4.12
CA HIS A 22 -19.90 9.46 3.29
C HIS A 22 -20.97 10.51 3.50
N ARG A 23 -22.03 10.41 2.71
CA ARG A 23 -23.16 11.31 2.79
C ARG A 23 -23.77 10.96 4.14
N GLY A 24 -24.14 11.98 4.92
CA GLY A 24 -24.72 11.72 6.22
C GLY A 24 -23.69 11.79 7.33
N GLY A 25 -22.42 11.55 7.02
CA GLY A 25 -21.39 11.63 8.04
C GLY A 25 -20.66 10.34 8.42
N SER A 26 -21.18 9.19 8.02
CA SER A 26 -20.52 7.93 8.35
C SER A 26 -19.16 7.88 7.67
N VAL A 27 -18.18 7.29 8.34
CA VAL A 27 -16.83 7.19 7.78
C VAL A 27 -16.33 5.74 7.77
N THR A 28 -15.80 5.32 6.62
CA THR A 28 -15.31 3.96 6.46
C THR A 28 -13.87 3.88 5.95
N TYR A 29 -13.12 2.89 6.43
CA TYR A 29 -11.74 2.74 6.00
C TYR A 29 -11.68 2.39 4.50
N VAL A 30 -10.71 2.95 3.80
CA VAL A 30 -10.57 2.70 2.36
C VAL A 30 -9.32 1.88 1.98
N CYS A 31 -8.15 2.52 2.02
CA CYS A 31 -6.89 1.87 1.68
C CYS A 31 -5.72 2.35 2.53
N GLY A 32 -4.58 1.67 2.35
CA GLY A 32 -3.37 2.03 3.06
C GLY A 32 -2.53 2.97 2.22
N GLY A 33 -1.44 3.48 2.79
CA GLY A 33 -0.57 4.40 2.10
C GLY A 33 0.77 4.53 2.81
N SER A 34 1.75 5.13 2.16
CA SER A 34 3.07 5.26 2.76
C SER A 34 3.53 6.71 2.71
N LEU A 35 4.12 7.19 3.81
CA LEU A 35 4.60 8.56 3.87
C LEU A 35 5.97 8.67 3.18
N MET A 36 5.99 9.42 2.08
CA MET A 36 7.17 9.69 1.26
C MET A 36 7.98 10.85 1.83
N SER A 37 7.28 11.95 2.12
CA SER A 37 7.87 13.15 2.67
C SER A 37 6.80 13.74 3.58
N PRO A 38 7.16 14.72 4.43
CA PRO A 38 6.20 15.33 5.35
C PRO A 38 4.83 15.70 4.74
N CYS A 39 4.86 16.21 3.52
CA CYS A 39 3.66 16.64 2.82
C CYS A 39 3.07 15.61 1.84
N TRP A 40 3.75 14.47 1.63
CA TRP A 40 3.26 13.49 0.66
C TRP A 40 3.08 12.02 1.04
N VAL A 41 1.95 11.46 0.60
CA VAL A 41 1.61 10.05 0.83
C VAL A 41 1.40 9.37 -0.53
N ILE A 42 1.99 8.21 -0.74
CA ILE A 42 1.83 7.53 -2.02
C ILE A 42 1.01 6.26 -1.84
N SER A 43 -0.02 6.10 -2.67
CA SER A 43 -0.90 4.94 -2.58
C SER A 43 -1.22 4.40 -3.98
N ALA A 44 -2.38 3.77 -4.14
CA ALA A 44 -2.79 3.22 -5.42
C ALA A 44 -3.97 3.99 -6.00
N THR A 45 -3.89 4.30 -7.29
CA THR A 45 -4.98 5.02 -7.95
C THR A 45 -6.34 4.31 -7.94
N HIS A 46 -6.36 2.97 -8.00
CA HIS A 46 -7.67 2.29 -8.01
C HIS A 46 -8.49 2.48 -6.74
N CYS A 47 -7.84 2.96 -5.69
CA CYS A 47 -8.49 3.24 -4.40
C CYS A 47 -9.31 4.53 -4.44
N PHE A 48 -9.08 5.36 -5.46
CA PHE A 48 -9.75 6.66 -5.55
C PHE A 48 -10.47 6.99 -6.85
N ILE A 49 -10.14 6.26 -7.91
CA ILE A 49 -10.70 6.50 -9.25
C ILE A 49 -12.23 6.61 -9.31
N ASP A 50 -12.95 5.86 -8.47
CA ASP A 50 -14.42 5.93 -8.44
C ASP A 50 -14.99 7.15 -7.69
N TYR A 51 -14.24 7.72 -6.77
CA TYR A 51 -14.70 8.92 -6.05
C TYR A 51 -13.49 9.84 -6.00
N PRO A 52 -13.14 10.45 -7.15
CA PRO A 52 -12.01 11.36 -7.32
C PRO A 52 -12.09 12.75 -6.67
N LYS A 53 -12.82 12.88 -5.57
CA LYS A 53 -12.95 14.17 -4.87
C LYS A 53 -12.04 14.23 -3.66
N LYS A 54 -10.97 15.02 -3.74
CA LYS A 54 -10.05 15.12 -2.61
C LYS A 54 -10.68 15.50 -1.26
N GLU A 55 -11.83 16.14 -1.28
CA GLU A 55 -12.48 16.56 -0.06
C GLU A 55 -13.05 15.44 0.81
N ASP A 56 -13.45 14.33 0.20
CA ASP A 56 -14.01 13.22 0.98
C ASP A 56 -13.00 12.37 1.76
N TYR A 57 -11.72 12.58 1.54
CA TYR A 57 -10.71 11.76 2.18
C TYR A 57 -10.10 12.22 3.49
N ILE A 58 -9.87 11.26 4.37
CA ILE A 58 -9.24 11.53 5.67
C ILE A 58 -8.00 10.66 5.74
N VAL A 59 -6.91 11.22 6.24
CA VAL A 59 -5.66 10.46 6.35
C VAL A 59 -5.10 10.50 7.77
N TYR A 60 -4.79 9.34 8.33
CA TYR A 60 -4.21 9.27 9.66
C TYR A 60 -2.79 8.69 9.66
N LEU A 61 -2.00 9.16 10.61
CA LEU A 61 -0.62 8.73 10.80
C LEU A 61 -0.43 8.48 12.31
N GLY A 62 0.25 7.41 12.66
CA GLY A 62 0.47 7.08 14.06
C GLY A 62 -0.78 6.53 14.70
N ARG A 63 -1.63 5.90 13.89
CA ARG A 63 -2.89 5.31 14.35
C ARG A 63 -2.78 3.79 14.29
N SER A 64 -2.80 3.13 15.46
CA SER A 64 -2.67 1.66 15.54
C SER A 64 -3.93 0.81 15.47
N ARG A 65 -5.09 1.41 15.58
CA ARG A 65 -6.34 0.65 15.55
C ARG A 65 -7.37 1.30 14.62
N LEU A 66 -8.30 0.48 14.14
CA LEU A 66 -9.31 0.95 13.21
C LEU A 66 -10.26 2.00 13.78
N ASN A 67 -10.74 1.80 14.99
CA ASN A 67 -11.66 2.76 15.61
C ASN A 67 -11.25 3.25 16.99
N SER A 68 -10.01 3.70 17.14
CA SER A 68 -9.53 4.19 18.42
C SER A 68 -8.46 5.23 18.15
N ASN A 69 -8.48 6.30 18.93
CA ASN A 69 -7.48 7.34 18.77
C ASN A 69 -6.25 6.87 19.53
N THR A 70 -5.17 6.65 18.79
CA THR A 70 -3.92 6.17 19.36
C THR A 70 -3.05 7.34 19.82
N GLN A 71 -2.59 7.29 21.06
CA GLN A 71 -1.73 8.33 21.60
C GLN A 71 -0.64 8.69 20.58
N GLY A 72 -0.58 9.97 20.21
CA GLY A 72 0.42 10.43 19.26
C GLY A 72 0.03 10.63 17.79
N GLU A 73 -1.16 10.19 17.38
CA GLU A 73 -1.59 10.32 15.99
C GLU A 73 -1.83 11.75 15.50
N MET A 74 -1.97 11.92 14.18
CA MET A 74 -2.25 13.20 13.55
C MET A 74 -3.26 13.01 12.42
N LYS A 75 -4.32 13.80 12.45
CA LYS A 75 -5.38 13.70 11.44
C LYS A 75 -5.12 14.70 10.29
N PHE A 76 -5.36 14.27 9.05
CA PHE A 76 -5.14 15.16 7.89
C PHE A 76 -6.24 15.11 6.84
N GLU A 77 -6.22 16.10 5.96
CA GLU A 77 -7.15 16.18 4.84
C GLU A 77 -6.26 16.20 3.60
N VAL A 78 -6.84 16.08 2.41
CA VAL A 78 -6.02 16.05 1.21
C VAL A 78 -5.95 17.32 0.37
N GLU A 79 -4.83 18.02 0.45
CA GLU A 79 -4.63 19.25 -0.32
C GLU A 79 -4.61 18.98 -1.83
N ASN A 80 -4.13 17.79 -2.21
CA ASN A 80 -4.09 17.48 -3.62
C ASN A 80 -4.04 15.98 -3.92
N LEU A 81 -4.98 15.55 -4.75
CA LEU A 81 -5.07 14.16 -5.15
C LEU A 81 -4.66 14.06 -6.62
N ILE A 82 -3.48 13.53 -6.89
CA ILE A 82 -3.01 13.38 -8.26
C ILE A 82 -3.02 11.91 -8.66
N LEU A 83 -3.70 11.60 -9.76
CA LEU A 83 -3.82 10.24 -10.23
C LEU A 83 -3.01 10.08 -11.52
N HIS A 84 -2.45 8.89 -11.77
CA HIS A 84 -1.67 8.66 -12.98
C HIS A 84 -2.63 8.72 -14.18
N LYS A 85 -2.42 9.70 -15.04
CA LYS A 85 -3.25 9.91 -16.22
C LYS A 85 -3.41 8.73 -17.19
N ASP A 86 -2.47 7.79 -17.20
CA ASP A 86 -2.59 6.65 -18.10
C ASP A 86 -3.06 5.37 -17.41
N TYR A 87 -3.76 5.50 -16.29
CA TYR A 87 -4.26 4.34 -15.56
C TYR A 87 -5.45 3.64 -16.22
N SER A 88 -5.51 2.30 -16.07
CA SER A 88 -6.61 1.49 -16.61
C SER A 88 -6.68 0.18 -15.79
N ALA A 89 -7.75 -0.59 -15.96
CA ALA A 89 -7.92 -1.84 -15.22
C ALA A 89 -8.58 -2.99 -16.01
N ASP A 90 -7.83 -4.06 -16.23
CA ASP A 90 -8.34 -5.23 -16.94
C ASP A 90 -9.07 -6.16 -15.96
N THR A 91 -9.39 -7.38 -16.41
CA THR A 91 -10.10 -8.36 -15.59
C THR A 91 -9.48 -8.61 -14.22
N LEU A 92 -8.16 -8.71 -14.19
CA LEU A 92 -7.44 -8.95 -12.94
C LEU A 92 -6.39 -7.89 -12.71
N ALA A 93 -5.59 -7.62 -13.74
CA ALA A 93 -4.49 -6.67 -13.65
C ALA A 93 -4.85 -5.20 -13.70
N HIS A 94 -4.04 -4.39 -13.01
CA HIS A 94 -4.23 -2.94 -12.97
C HIS A 94 -2.95 -2.28 -13.48
N HIS A 95 -3.10 -1.19 -14.23
CA HIS A 95 -1.97 -0.52 -14.83
C HIS A 95 -1.71 0.89 -14.31
N ASN A 96 -0.44 1.21 -14.11
CA ASN A 96 -0.04 2.51 -13.60
C ASN A 96 -0.86 2.79 -12.35
N ASP A 97 -0.92 1.80 -11.47
CA ASP A 97 -1.71 1.90 -10.23
C ASP A 97 -0.87 2.63 -9.18
N ILE A 98 -0.75 3.94 -9.33
CA ILE A 98 0.03 4.71 -8.39
C ILE A 98 -0.63 6.07 -8.22
N ALA A 99 -0.57 6.62 -7.01
CA ALA A 99 -1.20 7.90 -6.73
C ALA A 99 -0.44 8.70 -5.67
N LEU A 100 -0.62 10.02 -5.73
CA LEU A 100 0.00 10.95 -4.80
C LEU A 100 -1.05 11.78 -4.08
N LEU A 101 -0.93 11.87 -2.77
CA LEU A 101 -1.84 12.67 -1.97
C LEU A 101 -1.02 13.66 -1.14
N LYS A 102 -1.18 14.94 -1.44
CA LYS A 102 -0.46 15.95 -0.68
C LYS A 102 -1.38 16.24 0.50
N ILE A 103 -0.90 15.93 1.71
CA ILE A 103 -1.70 16.11 2.93
C ILE A 103 -1.52 17.45 3.63
N ARG A 104 -2.49 17.78 4.47
CA ARG A 104 -2.47 19.04 5.20
C ARG A 104 -3.40 18.95 6.39
N SER A 105 -2.95 19.45 7.54
CA SER A 105 -3.76 19.44 8.76
C SER A 105 -4.65 20.66 8.72
N LYS A 106 -5.61 20.75 9.64
CA LYS A 106 -6.51 21.91 9.69
C LYS A 106 -5.76 23.23 9.86
N GLU A 107 -4.60 23.18 10.49
CA GLU A 107 -3.78 24.37 10.69
C GLU A 107 -2.94 24.69 9.44
N GLY A 108 -3.01 23.81 8.44
CA GLY A 108 -2.27 24.01 7.20
C GLY A 108 -0.85 23.47 7.19
N ARG A 109 -0.54 22.55 8.11
CA ARG A 109 0.80 21.97 8.23
C ARG A 109 0.89 20.52 7.73
N CYS A 110 2.08 20.13 7.29
CA CYS A 110 2.31 18.76 6.83
C CYS A 110 2.62 17.92 8.05
N ALA A 111 3.07 16.68 7.83
CA ALA A 111 3.37 15.79 8.94
C ALA A 111 4.63 16.17 9.71
N GLN A 112 4.58 15.96 11.04
CA GLN A 112 5.67 16.25 11.96
C GLN A 112 6.23 14.93 12.50
N PRO A 113 7.43 14.52 12.04
CA PRO A 113 8.08 13.28 12.48
C PRO A 113 8.19 13.09 13.98
N SER A 114 7.90 11.87 14.43
CA SER A 114 7.96 11.54 15.85
C SER A 114 8.28 10.06 15.91
N ARG A 115 8.27 9.50 17.11
CA ARG A 115 8.58 8.09 17.26
C ARG A 115 7.62 7.18 16.47
N THR A 116 6.36 7.61 16.31
CA THR A 116 5.36 6.81 15.59
C THR A 116 4.98 7.35 14.22
N ILE A 117 5.70 8.37 13.74
CA ILE A 117 5.43 8.95 12.43
C ILE A 117 6.75 9.21 11.72
N GLN A 118 7.08 8.36 10.76
CA GLN A 118 8.33 8.46 10.00
C GLN A 118 8.11 8.18 8.52
N THR A 119 9.05 8.67 7.70
CA THR A 119 8.99 8.49 6.24
C THR A 119 9.85 7.29 5.79
N ILE A 120 9.50 6.69 4.67
CA ILE A 120 10.29 5.58 4.11
C ILE A 120 10.92 6.04 2.81
N CYS A 121 12.15 5.60 2.55
CA CYS A 121 12.88 6.00 1.35
C CYS A 121 12.40 5.31 0.08
N LEU A 122 12.43 6.04 -1.03
CA LEU A 122 12.06 5.49 -2.32
C LEU A 122 13.29 4.77 -2.87
N PRO A 123 13.07 3.85 -3.83
CA PRO A 123 14.15 3.09 -4.45
C PRO A 123 14.89 3.94 -5.50
N SER A 124 16.02 3.45 -6.00
CA SER A 124 16.79 4.16 -7.02
C SER A 124 16.65 3.48 -8.40
N MET A 125 16.91 4.23 -9.46
CA MET A 125 16.80 3.73 -10.84
C MET A 125 17.43 2.36 -11.13
N TYR A 126 16.61 1.46 -11.67
CA TYR A 126 17.01 0.09 -12.05
C TYR A 126 17.62 -0.76 -10.94
N ASN A 127 17.40 -0.43 -9.68
CA ASN A 127 18.01 -1.20 -8.61
C ASN A 127 17.00 -1.86 -7.66
N ASP A 128 16.43 -2.98 -8.10
CA ASP A 128 15.47 -3.73 -7.28
C ASP A 128 16.14 -4.96 -6.68
N PRO A 129 15.57 -5.48 -5.58
CA PRO A 129 16.14 -6.67 -4.93
C PRO A 129 15.90 -7.92 -5.77
N GLN A 130 16.82 -8.88 -5.69
CA GLN A 130 16.72 -10.13 -6.44
C GLN A 130 15.53 -10.97 -5.99
N PHE A 131 15.09 -11.89 -6.85
CA PHE A 131 13.97 -12.75 -6.49
C PHE A 131 14.36 -13.60 -5.29
N GLY A 132 13.38 -13.98 -4.48
CA GLY A 132 13.66 -14.79 -3.30
C GLY A 132 13.91 -13.99 -2.03
N THR A 133 13.94 -12.66 -2.15
CA THR A 133 14.16 -11.79 -1.00
C THR A 133 12.88 -11.69 -0.16
N SER A 134 13.03 -11.68 1.16
CA SER A 134 11.86 -11.55 2.04
C SER A 134 11.58 -10.07 2.32
N CYS A 135 10.31 -9.69 2.24
CA CYS A 135 9.87 -8.32 2.48
C CYS A 135 8.58 -8.36 3.30
N GLU A 136 8.22 -7.24 3.95
CA GLU A 136 6.99 -7.19 4.77
C GLU A 136 5.91 -6.28 4.23
N ILE A 137 4.69 -6.54 4.67
CA ILE A 137 3.52 -5.78 4.28
C ILE A 137 2.68 -5.53 5.53
N THR A 138 1.92 -4.44 5.53
CA THR A 138 1.08 -4.08 6.68
C THR A 138 -0.27 -3.57 6.16
N GLY A 139 -1.31 -3.70 6.97
CA GLY A 139 -2.63 -3.25 6.56
C GLY A 139 -3.76 -3.61 7.53
N PHE A 140 -4.95 -3.09 7.24
CA PHE A 140 -6.16 -3.33 8.02
C PHE A 140 -7.15 -4.16 7.18
N GLY A 141 -6.63 -4.88 6.18
CA GLY A 141 -7.46 -5.69 5.32
C GLY A 141 -7.97 -6.97 5.95
N LYS A 142 -8.89 -7.64 5.26
CA LYS A 142 -9.48 -8.89 5.73
C LYS A 142 -8.45 -9.92 6.20
N GLU A 143 -8.80 -10.67 7.25
CA GLU A 143 -7.91 -11.72 7.77
C GLU A 143 -8.21 -13.01 7.02
N ASN A 144 -9.41 -13.07 6.45
CA ASN A 144 -9.84 -14.21 5.65
C ASN A 144 -10.74 -13.68 4.54
N SER A 145 -10.73 -14.38 3.41
CA SER A 145 -11.54 -13.97 2.28
C SER A 145 -13.05 -13.96 2.59
N THR A 146 -13.48 -14.84 3.48
CA THR A 146 -14.90 -14.92 3.83
C THR A 146 -15.38 -13.84 4.82
N ASP A 147 -14.46 -13.11 5.46
CA ASP A 147 -14.87 -12.04 6.37
C ASP A 147 -15.43 -10.85 5.58
N TYR A 148 -16.35 -10.10 6.20
CA TYR A 148 -16.87 -8.91 5.55
C TYR A 148 -16.40 -7.70 6.34
N LEU A 149 -15.96 -7.96 7.58
CA LEU A 149 -15.44 -6.92 8.45
C LEU A 149 -13.91 -6.97 8.44
N TYR A 150 -13.29 -5.85 8.78
CA TYR A 150 -11.83 -5.74 8.82
C TYR A 150 -11.34 -5.91 10.25
N PRO A 151 -10.11 -6.42 10.44
CA PRO A 151 -9.59 -6.59 11.79
C PRO A 151 -9.44 -5.25 12.51
N GLU A 152 -9.84 -5.20 13.78
CA GLU A 152 -9.75 -3.97 14.56
C GLU A 152 -8.30 -3.52 14.80
N GLN A 153 -7.38 -4.47 14.89
CA GLN A 153 -5.98 -4.14 15.14
C GLN A 153 -5.12 -4.29 13.88
N LEU A 154 -4.09 -3.45 13.77
CA LEU A 154 -3.18 -3.46 12.63
C LEU A 154 -2.44 -4.79 12.55
N LYS A 155 -2.17 -5.26 11.34
CA LYS A 155 -1.46 -6.53 11.14
C LYS A 155 -0.35 -6.41 10.09
N MET A 156 0.56 -7.38 10.11
CA MET A 156 1.65 -7.42 9.15
C MET A 156 2.09 -8.87 8.91
N THR A 157 2.83 -9.08 7.82
CA THR A 157 3.35 -10.39 7.49
C THR A 157 4.57 -10.25 6.56
N VAL A 158 5.26 -11.36 6.34
CA VAL A 158 6.45 -11.36 5.49
C VAL A 158 6.25 -12.35 4.34
N VAL A 159 6.60 -11.91 3.14
CA VAL A 159 6.49 -12.73 1.92
C VAL A 159 7.78 -12.66 1.11
N LYS A 160 7.86 -13.47 0.06
CA LYS A 160 9.06 -13.52 -0.77
C LYS A 160 8.82 -13.06 -2.20
N LEU A 161 9.75 -12.26 -2.73
CA LEU A 161 9.66 -11.77 -4.10
C LEU A 161 9.75 -12.92 -5.12
N ILE A 162 8.99 -12.81 -6.20
CA ILE A 162 9.00 -13.84 -7.25
C ILE A 162 9.45 -13.25 -8.58
N SER A 163 10.29 -14.00 -9.29
CA SER A 163 10.83 -13.55 -10.57
C SER A 163 9.75 -13.31 -11.58
N HIS A 164 10.02 -12.40 -12.51
CA HIS A 164 9.07 -12.08 -13.56
C HIS A 164 8.80 -13.29 -14.47
N ARG A 165 9.83 -14.02 -14.88
CA ARG A 165 9.60 -15.18 -15.75
C ARG A 165 8.74 -16.24 -15.04
N GLU A 166 8.88 -16.38 -13.73
CA GLU A 166 8.11 -17.35 -12.94
C GLU A 166 6.67 -16.87 -12.79
N CYS A 167 6.49 -15.55 -12.64
CA CYS A 167 5.15 -15.00 -12.45
C CYS A 167 4.33 -15.03 -13.73
N GLN A 168 5.01 -15.17 -14.87
CA GLN A 168 4.37 -15.25 -16.19
C GLN A 168 4.05 -16.68 -16.65
N GLN A 169 4.40 -17.68 -15.85
CA GLN A 169 4.12 -19.07 -16.21
C GLN A 169 2.61 -19.25 -16.33
N PRO A 170 2.17 -20.25 -17.09
CA PRO A 170 0.74 -20.56 -17.30
C PRO A 170 -0.13 -20.62 -16.05
N HIS A 171 0.25 -21.46 -15.08
CA HIS A 171 -0.55 -21.59 -13.86
C HIS A 171 -0.48 -20.38 -12.91
N TYR A 172 0.28 -19.36 -13.28
CA TYR A 172 0.39 -18.13 -12.50
C TYR A 172 -0.40 -17.03 -13.23
N TYR A 173 0.28 -16.03 -13.79
CA TYR A 173 -0.42 -14.94 -14.49
C TYR A 173 -0.18 -14.75 -16.00
N GLY A 174 0.60 -15.64 -16.62
CA GLY A 174 0.86 -15.52 -18.05
C GLY A 174 1.36 -14.15 -18.45
N SER A 175 0.87 -13.63 -19.57
CA SER A 175 1.28 -12.31 -20.01
C SER A 175 0.52 -11.18 -19.33
N GLU A 176 -0.29 -11.51 -18.32
CA GLU A 176 -1.06 -10.47 -17.61
C GLU A 176 -0.16 -9.62 -16.70
N VAL A 177 0.96 -10.18 -16.25
CA VAL A 177 1.87 -9.42 -15.40
C VAL A 177 2.99 -8.88 -16.33
N THR A 178 3.18 -7.56 -16.30
CA THR A 178 4.18 -6.86 -17.12
C THR A 178 5.47 -6.54 -16.37
N THR A 179 6.44 -5.91 -17.04
CA THR A 179 7.71 -5.60 -16.38
C THR A 179 7.62 -4.46 -15.38
N LYS A 180 6.47 -3.79 -15.34
CA LYS A 180 6.26 -2.70 -14.41
C LYS A 180 5.61 -3.19 -13.12
N MET A 181 5.52 -4.51 -12.96
CA MET A 181 4.90 -5.12 -11.78
C MET A 181 5.85 -6.10 -11.09
N LEU A 182 5.61 -6.36 -9.82
CA LEU A 182 6.41 -7.29 -9.03
C LEU A 182 5.51 -8.27 -8.31
N CYS A 183 5.89 -9.54 -8.30
CA CYS A 183 5.09 -10.54 -7.60
C CYS A 183 5.82 -10.92 -6.32
N ALA A 184 5.05 -11.31 -5.31
CA ALA A 184 5.57 -11.72 -4.01
C ALA A 184 4.54 -12.62 -3.35
N ALA A 185 5.00 -13.61 -2.59
CA ALA A 185 4.08 -14.53 -1.93
C ALA A 185 4.71 -15.46 -0.89
N ASP A 186 3.86 -16.22 -0.22
CA ASP A 186 4.27 -17.19 0.79
C ASP A 186 4.51 -18.53 0.11
N PRO A 187 5.71 -19.12 0.26
CA PRO A 187 5.96 -20.41 -0.37
C PRO A 187 4.92 -21.51 -0.06
N GLN A 188 4.37 -21.51 1.16
CA GLN A 188 3.36 -22.50 1.53
C GLN A 188 1.94 -21.97 1.32
N TRP A 189 1.82 -20.74 0.82
CA TRP A 189 0.54 -20.09 0.54
C TRP A 189 -0.45 -19.96 1.71
N LYS A 190 0.05 -19.75 2.93
CA LYS A 190 -0.81 -19.60 4.10
C LYS A 190 -1.03 -18.13 4.45
N THR A 191 -0.07 -17.27 4.11
CA THR A 191 -0.20 -15.83 4.42
C THR A 191 -0.07 -14.94 3.18
N ASP A 192 -0.74 -13.80 3.19
CA ASP A 192 -0.73 -12.91 2.04
C ASP A 192 -1.53 -11.62 2.33
N SER A 193 -1.47 -10.62 1.44
CA SER A 193 -2.27 -9.42 1.64
C SER A 193 -3.65 -9.71 1.04
N CYS A 194 -4.62 -8.84 1.27
CA CYS A 194 -5.97 -9.11 0.77
C CYS A 194 -6.76 -7.82 0.65
N GLN A 195 -7.95 -7.89 0.04
CA GLN A 195 -8.80 -6.71 -0.11
C GLN A 195 -8.84 -5.93 1.19
N GLY A 196 -8.49 -4.65 1.13
CA GLY A 196 -8.46 -3.83 2.32
C GLY A 196 -7.03 -3.35 2.56
N ASP A 197 -6.07 -4.07 2.01
CA ASP A 197 -4.65 -3.71 2.15
C ASP A 197 -4.14 -2.90 0.95
N SER A 198 -4.89 -2.87 -0.15
CA SER A 198 -4.48 -2.13 -1.34
C SER A 198 -3.95 -0.74 -1.04
N GLY A 199 -2.94 -0.32 -1.80
CA GLY A 199 -2.35 0.99 -1.60
C GLY A 199 -1.25 0.99 -0.56
N GLY A 200 -1.16 -0.11 0.18
CA GLY A 200 -0.18 -0.27 1.24
C GLY A 200 1.22 -0.59 0.75
N PRO A 201 2.22 -0.41 1.62
CA PRO A 201 3.66 -0.63 1.42
C PRO A 201 4.19 -2.05 1.36
N LEU A 202 5.08 -2.27 0.38
CA LEU A 202 5.79 -3.53 0.24
C LEU A 202 7.22 -3.06 0.51
N VAL A 203 7.69 -3.20 1.75
CA VAL A 203 9.01 -2.73 2.11
C VAL A 203 10.07 -3.85 2.08
N CYS A 204 11.23 -3.54 1.52
CA CYS A 204 12.32 -4.50 1.41
C CYS A 204 13.63 -3.91 1.93
N SER A 205 14.37 -4.70 2.70
CA SER A 205 15.67 -4.25 3.19
C SER A 205 16.64 -4.39 2.01
N LEU A 206 16.99 -3.27 1.39
CA LEU A 206 17.87 -3.29 0.25
C LEU A 206 19.20 -2.59 0.50
N GLN A 207 20.27 -3.38 0.53
CA GLN A 207 21.61 -2.86 0.75
C GLN A 207 21.68 -2.09 2.07
N GLY A 208 21.06 -2.64 3.10
CA GLY A 208 21.07 -2.00 4.41
C GLY A 208 20.08 -0.86 4.65
N ARG A 209 19.19 -0.61 3.71
CA ARG A 209 18.21 0.46 3.85
C ARG A 209 16.78 0.00 3.59
N MET A 210 15.88 0.28 4.53
CA MET A 210 14.47 -0.07 4.37
C MET A 210 13.98 0.72 3.17
N THR A 211 13.43 0.02 2.17
CA THR A 211 12.99 0.67 0.94
C THR A 211 11.58 0.30 0.48
N LEU A 212 10.79 1.32 0.11
CA LEU A 212 9.45 1.08 -0.37
C LEU A 212 9.56 0.55 -1.80
N THR A 213 9.66 -0.77 -1.93
CA THR A 213 9.82 -1.42 -3.22
C THR A 213 8.49 -1.60 -3.95
N GLY A 214 7.42 -1.83 -3.21
CA GLY A 214 6.13 -2.00 -3.86
C GLY A 214 4.93 -1.37 -3.19
N ILE A 215 3.82 -1.35 -3.92
CA ILE A 215 2.55 -0.81 -3.44
C ILE A 215 1.55 -1.91 -3.77
N VAL A 216 0.72 -2.29 -2.80
CA VAL A 216 -0.26 -3.34 -3.00
C VAL A 216 -1.21 -2.91 -4.10
N SER A 217 -1.34 -3.73 -5.14
CA SER A 217 -2.20 -3.42 -6.27
C SER A 217 -3.28 -4.46 -6.54
N TRP A 218 -2.90 -5.68 -6.94
CA TRP A 218 -3.91 -6.71 -7.23
C TRP A 218 -3.48 -8.17 -7.03
N GLY A 219 -4.42 -9.09 -7.26
CA GLY A 219 -4.18 -10.51 -7.13
C GLY A 219 -5.45 -11.36 -7.23
N ARG A 220 -5.31 -12.63 -7.64
CA ARG A 220 -6.45 -13.54 -7.74
C ARG A 220 -6.69 -14.17 -6.37
N GLY A 221 -7.77 -13.77 -5.72
CA GLY A 221 -8.11 -14.28 -4.40
C GLY A 221 -7.11 -13.77 -3.37
N CYS A 222 -7.05 -14.47 -2.24
CA CYS A 222 -6.13 -14.13 -1.17
C CYS A 222 -5.48 -15.39 -0.63
N ALA A 223 -4.14 -15.44 -0.70
CA ALA A 223 -3.36 -16.57 -0.24
C ALA A 223 -3.72 -17.87 -0.97
N LEU A 224 -4.03 -17.77 -2.25
CA LEU A 224 -4.38 -18.95 -3.03
C LEU A 224 -3.12 -19.48 -3.73
N LYS A 225 -3.08 -20.80 -3.90
CA LYS A 225 -1.95 -21.47 -4.51
C LYS A 225 -1.62 -20.93 -5.91
N ASP A 226 -0.34 -20.68 -6.14
CA ASP A 226 0.15 -20.16 -7.42
C ASP A 226 -0.53 -18.86 -7.84
N LYS A 227 -0.95 -18.07 -6.86
CA LYS A 227 -1.60 -16.79 -7.13
C LYS A 227 -0.98 -15.72 -6.22
N PRO A 228 0.23 -15.26 -6.57
CA PRO A 228 0.96 -14.25 -5.81
C PRO A 228 0.25 -12.90 -5.75
N GLY A 229 0.72 -12.05 -4.84
CA GLY A 229 0.17 -10.71 -4.73
C GLY A 229 0.99 -9.94 -5.75
N VAL A 230 0.36 -8.99 -6.44
CA VAL A 230 1.03 -8.18 -7.47
C VAL A 230 1.15 -6.75 -6.94
N TYR A 231 2.33 -6.17 -7.09
CA TYR A 231 2.58 -4.83 -6.57
C TYR A 231 3.15 -3.89 -7.62
N THR A 232 2.86 -2.59 -7.50
CA THR A 232 3.37 -1.59 -8.44
C THR A 232 4.88 -1.44 -8.23
N ARG A 233 5.67 -1.62 -9.28
CA ARG A 233 7.12 -1.50 -9.18
C ARG A 233 7.48 -0.01 -9.08
N VAL A 234 7.75 0.44 -7.86
CA VAL A 234 8.08 1.85 -7.63
C VAL A 234 9.27 2.41 -8.40
N SER A 235 10.38 1.68 -8.44
CA SER A 235 11.58 2.12 -9.14
C SER A 235 11.28 2.60 -10.56
N HIS A 236 10.37 1.90 -11.24
CA HIS A 236 10.01 2.27 -12.60
C HIS A 236 9.39 3.66 -12.70
N PHE A 237 8.64 4.05 -11.68
CA PHE A 237 7.94 5.34 -11.68
C PHE A 237 8.66 6.53 -11.07
N LEU A 238 9.94 6.39 -10.75
CA LEU A 238 10.67 7.51 -10.16
C LEU A 238 10.53 8.85 -10.90
N PRO A 239 10.67 8.85 -12.26
CA PRO A 239 10.55 10.12 -12.99
C PRO A 239 9.20 10.82 -12.77
N TRP A 240 8.14 10.00 -12.75
CA TRP A 240 6.78 10.46 -12.53
C TRP A 240 6.60 11.02 -11.10
N ILE A 241 7.16 10.31 -10.12
CA ILE A 241 7.07 10.72 -8.72
C ILE A 241 7.79 12.05 -8.51
N ARG A 242 8.99 12.17 -9.07
CA ARG A 242 9.78 13.40 -8.97
C ARG A 242 9.05 14.60 -9.58
N SER A 243 8.61 14.47 -10.82
CA SER A 243 7.93 15.56 -11.53
C SER A 243 6.60 16.03 -10.91
N HIS A 244 5.86 15.11 -10.30
CA HIS A 244 4.58 15.46 -9.69
C HIS A 244 4.66 15.92 -8.22
N THR A 245 5.87 15.93 -7.64
CA THR A 245 6.02 16.38 -6.26
C THR A 245 6.77 17.70 -6.14
C47 497 B . -15.77 -2.03 -4.55
C45 497 B . -14.27 -2.15 -4.34
C39 497 B . -13.52 -1.55 -5.52
C38 497 B . -13.82 -0.12 -5.96
N37 497 B . -13.56 -0.03 -7.41
C36 497 B . -12.24 -0.45 -7.90
C26 497 B . -11.59 -1.58 -7.10
C27 497 B . -12.11 -2.00 -5.86
C28 497 B . -11.34 -2.82 -5.02
C22 497 B . -10.15 -3.40 -5.53
N21 497 B . -9.30 -4.19 -4.81
C20 497 B . -9.66 -5.38 -4.28
O23 497 B . -10.83 -5.57 -4.06
C11 497 B . -8.61 -6.41 -4.01
C12 497 B . -9.02 -7.76 -3.89
C13 497 B . -8.10 -8.79 -3.60
C4 497 B . -6.73 -8.49 -3.45
C5 497 B . -5.78 -9.52 -3.32
C6 497 B . -4.39 -9.24 -3.21
C1 497 B . -3.96 -7.91 -3.39
C2 497 B . -4.89 -6.88 -3.57
C3 497 B . -6.28 -7.15 -3.61
C10 497 B . -7.22 -6.11 -3.87
C17 497 B . -3.45 -10.33 -2.86
N18 497 B . -3.70 -11.59 -3.20
N19 497 B . -2.34 -10.11 -2.21
C24 497 B . -9.79 -3.15 -6.85
C25 497 B . -10.45 -2.21 -7.64
#